data_9H1K
#
_entry.id   9H1K
#
_cell.length_a   113.040
_cell.length_b   117.430
_cell.length_c   58.250
_cell.angle_alpha   90.000
_cell.angle_beta   90.000
_cell.angle_gamma   90.000
#
_symmetry.space_group_name_H-M   'P 21 21 2'
#
loop_
_entity.id
_entity.type
_entity.pdbx_description
1 polymer '23S rRNA methyltransferase'
2 polymer 'RNA (59-MER)'
3 non-polymer S-ADENOSYL-L-HOMOCYSTEINE
4 water water
#
loop_
_entity_poly.entity_id
_entity_poly.type
_entity_poly.pdbx_seq_one_letter_code
_entity_poly.pdbx_strand_id
1 'polypeptide(L)'
;MGSSHHHHHHSSGLVPRGSHMRIESPQNPRVKALAALKERKERERTGRFLVEGRREVERALEAGLSLETLLLGPKARPED
RALAGGAEVLELSERALARVSARENPAQVLGVFRLPRRSLAGVTLGAAPLVLVLLGLEKPGNLGAILRAADGAGADLVLV
AEGVDLFSPQVIRNSTGAVFALPVYPVAEEEAARFLEEQNLPLVAATPEGERLYWEGDYRGGVAFLLGAEDKGLPEAWKR
RAQVRVRIPMRGRADSLNVAVTAALLLYEALRQRSGGAPL
;
A,B
2 'polyribonucleotide' GUCGCAUCCUGGGGCUGAAGAAGGUCCCAAGGGUUGGGCUGUUCGCCCAUUAAAGCGGC C
#
# COMPACT_ATOMS: atom_id res chain seq x y z
N HIS A 20 17.72 -34.26 -0.88
CA HIS A 20 17.63 -35.13 0.28
C HIS A 20 18.70 -34.80 1.33
N MET A 21 18.40 -33.83 2.18
CA MET A 21 19.26 -33.45 3.30
C MET A 21 18.42 -32.81 4.39
N ARG A 22 18.91 -32.92 5.61
CA ARG A 22 18.25 -32.22 6.74
C ARG A 22 19.30 -31.25 7.26
N ILE A 23 18.95 -29.98 7.30
CA ILE A 23 19.83 -28.91 7.75
C ILE A 23 19.26 -28.38 9.05
N GLU A 24 20.11 -28.31 10.08
CA GLU A 24 19.71 -27.80 11.38
C GLU A 24 20.40 -26.50 11.75
N SER A 25 21.70 -26.37 11.46
CA SER A 25 22.46 -25.22 11.92
C SER A 25 22.16 -24.00 11.07
N PRO A 26 21.73 -22.88 11.66
CA PRO A 26 21.60 -21.63 10.90
C PRO A 26 22.90 -21.22 10.23
N GLN A 27 24.03 -21.75 10.68
CA GLN A 27 25.34 -21.43 10.13
C GLN A 27 25.81 -22.45 9.10
N ASN A 28 24.94 -23.37 8.68
CA ASN A 28 25.28 -24.31 7.62
C ASN A 28 25.58 -23.56 6.33
N PRO A 29 26.54 -24.01 5.52
CA PRO A 29 26.91 -23.25 4.31
C PRO A 29 25.75 -23.03 3.33
N ARG A 30 24.90 -24.04 3.14
CA ARG A 30 23.77 -23.89 2.23
C ARG A 30 22.87 -22.75 2.66
N VAL A 31 22.65 -22.62 3.97
CA VAL A 31 21.68 -21.65 4.48
C VAL A 31 22.13 -20.24 4.17
N LYS A 32 23.42 -19.95 4.33
CA LYS A 32 23.92 -18.61 4.01
C LYS A 32 23.80 -18.33 2.53
N ALA A 33 24.11 -19.33 1.69
CA ALA A 33 23.90 -19.19 0.25
C ALA A 33 22.44 -18.85 -0.05
N LEU A 34 21.50 -19.49 0.65
CA LEU A 34 20.09 -19.30 0.36
C LEU A 34 19.61 -17.92 0.80
N ALA A 35 20.00 -17.47 2.00
CA ALA A 35 19.57 -16.17 2.46
C ALA A 35 20.16 -15.03 1.62
N ALA A 36 21.31 -15.27 0.99
CA ALA A 36 21.92 -14.28 0.10
C ALA A 36 21.00 -13.92 -1.08
N LEU A 37 20.06 -14.80 -1.43
CA LEU A 37 19.23 -14.54 -2.61
C LEU A 37 18.25 -13.40 -2.39
N LYS A 38 18.12 -12.90 -1.14
CA LYS A 38 17.33 -11.70 -0.90
C LYS A 38 17.96 -10.45 -1.50
N GLU A 39 19.28 -10.47 -1.78
CA GLU A 39 19.95 -9.34 -2.42
C GLU A 39 19.81 -9.39 -3.94
N ARG A 40 19.35 -8.28 -4.53
CA ARG A 40 19.26 -8.20 -5.99
C ARG A 40 20.58 -8.59 -6.64
N LYS A 41 21.70 -8.27 -5.97
CA LYS A 41 23.01 -8.50 -6.56
C LYS A 41 23.33 -9.98 -6.63
N GLU A 42 22.91 -10.75 -5.62
CA GLU A 42 23.17 -12.19 -5.63
C GLU A 42 22.26 -12.88 -6.64
N ARG A 43 21.03 -12.40 -6.80
CA ARG A 43 20.15 -12.95 -7.83
C ARG A 43 20.75 -12.75 -9.21
N GLU A 44 21.34 -11.58 -9.46
CA GLU A 44 21.99 -11.38 -10.75
C GLU A 44 23.22 -12.28 -10.88
N ARG A 45 24.01 -12.39 -9.82
CA ARG A 45 25.23 -13.20 -9.90
C ARG A 45 24.91 -14.66 -10.20
N THR A 46 23.85 -15.20 -9.59
CA THR A 46 23.53 -16.61 -9.66
C THR A 46 22.51 -16.97 -10.73
N GLY A 47 21.61 -16.05 -11.07
CA GLY A 47 20.53 -16.39 -12.01
C GLY A 47 19.37 -17.09 -11.32
N ARG A 48 19.43 -17.18 -9.99
CA ARG A 48 18.35 -17.86 -9.22
C ARG A 48 17.69 -16.87 -8.25
N PHE A 49 16.54 -17.27 -7.71
CA PHE A 49 15.82 -16.40 -6.75
C PHE A 49 14.97 -17.25 -5.82
N LEU A 50 14.57 -16.65 -4.71
CA LEU A 50 13.82 -17.36 -3.68
C LEU A 50 12.36 -16.99 -3.78
N VAL A 51 11.49 -18.01 -3.71
CA VAL A 51 10.05 -17.79 -3.73
C VAL A 51 9.51 -18.35 -2.42
N GLU A 52 8.95 -17.48 -1.59
CA GLU A 52 8.62 -17.84 -0.21
C GLU A 52 7.11 -17.93 -0.04
N GLY A 53 6.64 -19.04 0.52
CA GLY A 53 5.22 -19.18 0.78
C GLY A 53 4.53 -20.17 -0.15
N ARG A 54 3.65 -21.00 0.43
CA ARG A 54 3.07 -22.11 -0.33
C ARG A 54 2.30 -21.59 -1.55
N ARG A 55 1.47 -20.57 -1.36
CA ARG A 55 0.74 -20.04 -2.50
C ARG A 55 1.69 -19.54 -3.58
N GLU A 56 2.73 -18.83 -3.18
CA GLU A 56 3.63 -18.23 -4.17
C GLU A 56 4.44 -19.30 -4.90
N VAL A 57 4.83 -20.35 -4.18
CA VAL A 57 5.50 -21.49 -4.83
C VAL A 57 4.57 -22.18 -5.81
N GLU A 58 3.30 -22.37 -5.42
CA GLU A 58 2.30 -22.91 -6.34
C GLU A 58 2.24 -22.09 -7.62
N ARG A 59 2.21 -20.76 -7.49
CA ARG A 59 2.05 -19.90 -8.65
C ARG A 59 3.27 -19.94 -9.55
N ALA A 60 4.48 -19.91 -8.96
CA ALA A 60 5.69 -20.03 -9.77
C ALA A 60 5.71 -21.35 -10.54
N LEU A 61 5.31 -22.44 -9.89
CA LEU A 61 5.25 -23.74 -10.58
C LEU A 61 4.22 -23.72 -11.70
N GLU A 62 3.00 -23.28 -11.39
CA GLU A 62 1.95 -23.20 -12.40
C GLU A 62 2.34 -22.32 -13.56
N ALA A 63 3.19 -21.30 -13.33
CA ALA A 63 3.58 -20.42 -14.42
C ALA A 63 4.67 -21.03 -15.29
N GLY A 64 5.18 -22.20 -14.92
CA GLY A 64 6.18 -22.87 -15.72
C GLY A 64 7.61 -22.58 -15.34
N LEU A 65 7.80 -21.99 -14.17
CA LEU A 65 9.17 -21.65 -13.73
C LEU A 65 9.91 -22.93 -13.28
N SER A 66 11.23 -22.97 -13.46
CA SER A 66 12.03 -24.17 -13.10
C SER A 66 12.41 -24.17 -11.63
N LEU A 67 11.91 -25.13 -10.87
CA LEU A 67 12.25 -25.27 -9.46
C LEU A 67 13.55 -26.06 -9.32
N GLU A 68 14.54 -25.51 -8.63
CA GLU A 68 15.83 -26.22 -8.48
C GLU A 68 15.90 -26.85 -7.10
N THR A 69 15.35 -26.18 -6.09
CA THR A 69 15.48 -26.66 -4.72
C THR A 69 14.23 -26.26 -3.97
N LEU A 70 13.56 -27.24 -3.37
CA LEU A 70 12.39 -27.02 -2.53
C LEU A 70 12.85 -27.05 -1.07
N LEU A 71 12.44 -26.05 -0.30
CA LEU A 71 12.74 -25.97 1.12
C LEU A 71 11.45 -26.23 1.88
N LEU A 72 11.50 -27.15 2.84
CA LEU A 72 10.36 -27.49 3.68
C LEU A 72 10.72 -27.26 5.15
N GLY A 73 9.90 -26.47 5.83
CA GLY A 73 10.06 -26.27 7.25
C GLY A 73 9.37 -27.37 8.07
N PRO A 74 9.52 -27.31 9.40
CA PRO A 74 9.02 -28.41 10.24
C PRO A 74 7.53 -28.63 10.13
N LYS A 75 6.74 -27.56 9.97
CA LYS A 75 5.29 -27.67 9.90
C LYS A 75 4.77 -27.82 8.47
N ALA A 76 5.64 -28.10 7.49
CA ALA A 76 5.20 -28.44 6.14
C ALA A 76 4.26 -29.64 6.17
N ARG A 77 3.45 -29.84 5.14
CA ARG A 77 2.55 -30.99 5.12
C ARG A 77 2.94 -31.98 4.03
N PRO A 78 2.43 -33.21 4.07
CA PRO A 78 2.91 -34.20 3.09
C PRO A 78 2.75 -33.78 1.63
N GLU A 79 1.67 -33.06 1.29
CA GLU A 79 1.50 -32.67 -0.11
C GLU A 79 2.60 -31.72 -0.57
N ASP A 80 3.16 -30.91 0.33
CA ASP A 80 4.26 -30.02 -0.07
C ASP A 80 5.39 -30.78 -0.75
N ARG A 81 5.81 -31.90 -0.17
CA ARG A 81 6.96 -32.62 -0.71
C ARG A 81 6.70 -33.05 -2.16
N ALA A 82 5.43 -33.32 -2.50
CA ALA A 82 5.12 -33.77 -3.86
C ALA A 82 5.17 -32.64 -4.89
N LEU A 83 5.34 -31.38 -4.46
CA LEU A 83 5.57 -30.27 -5.39
C LEU A 83 6.95 -30.32 -6.05
N ALA A 84 7.91 -31.05 -5.48
CA ALA A 84 9.30 -30.91 -5.90
C ALA A 84 9.53 -31.35 -7.35
N GLY A 85 8.77 -32.31 -7.84
CA GLY A 85 8.93 -32.72 -9.24
C GLY A 85 10.35 -33.04 -9.66
N GLY A 86 11.15 -33.64 -8.77
CA GLY A 86 12.52 -33.96 -9.16
C GLY A 86 13.60 -32.92 -8.82
N ALA A 87 13.23 -31.81 -8.19
CA ALA A 87 14.23 -30.92 -7.64
C ALA A 87 14.77 -31.51 -6.34
N GLU A 88 15.90 -30.96 -5.89
CA GLU A 88 16.41 -31.29 -4.58
C GLU A 88 15.45 -30.80 -3.52
N VAL A 89 15.21 -31.65 -2.50
CA VAL A 89 14.34 -31.32 -1.38
C VAL A 89 15.19 -31.19 -0.12
N LEU A 90 15.19 -30.00 0.50
CA LEU A 90 15.92 -29.75 1.74
C LEU A 90 14.95 -29.54 2.90
N GLU A 91 15.22 -30.21 4.01
CA GLU A 91 14.47 -30.06 5.24
C GLU A 91 15.15 -29.07 6.17
N LEU A 92 14.46 -27.99 6.52
CA LEU A 92 15.01 -26.94 7.36
C LEU A 92 14.35 -26.95 8.74
N SER A 93 15.17 -26.80 9.77
CA SER A 93 14.65 -26.58 11.12
C SER A 93 14.04 -25.18 11.21
N GLU A 94 13.31 -24.92 12.29
CA GLU A 94 12.77 -23.58 12.51
C GLU A 94 13.87 -22.52 12.50
N ARG A 95 15.06 -22.86 13.00
CA ARG A 95 16.13 -21.86 13.10
C ARG A 95 16.80 -21.60 11.77
N ALA A 96 17.05 -22.63 10.97
CA ALA A 96 17.61 -22.40 9.65
C ALA A 96 16.59 -21.69 8.76
N LEU A 97 15.31 -22.04 8.91
CA LEU A 97 14.24 -21.41 8.16
C LEU A 97 14.20 -19.91 8.42
N ALA A 98 14.39 -19.52 9.70
CA ALA A 98 14.38 -18.11 10.05
C ALA A 98 15.45 -17.32 9.30
N ARG A 99 16.62 -17.93 9.06
CA ARG A 99 17.70 -17.23 8.36
C ARG A 99 17.36 -17.00 6.89
N VAL A 100 16.69 -17.98 6.27
CA VAL A 100 16.41 -17.89 4.85
C VAL A 100 15.17 -17.03 4.57
N SER A 101 14.24 -16.97 5.51
CA SER A 101 12.99 -16.25 5.28
C SER A 101 13.22 -14.75 5.19
N ALA A 102 12.41 -14.10 4.34
CA ALA A 102 12.35 -12.65 4.30
C ALA A 102 11.27 -12.10 5.23
N ARG A 103 10.71 -12.93 6.10
CA ARG A 103 9.57 -12.54 6.90
C ARG A 103 9.90 -12.66 8.38
N GLU A 104 9.30 -11.78 9.17
CA GLU A 104 9.35 -11.95 10.62
C GLU A 104 8.83 -13.32 11.01
N ASN A 105 7.71 -13.73 10.41
CA ASN A 105 7.15 -15.05 10.61
C ASN A 105 7.36 -15.91 9.37
N PRO A 106 8.26 -16.89 9.40
CA PRO A 106 8.66 -17.58 8.16
C PRO A 106 7.56 -18.47 7.59
N ALA A 107 7.54 -18.56 6.26
CA ALA A 107 6.71 -19.56 5.60
C ALA A 107 7.34 -20.95 5.76
N GLN A 108 6.49 -21.97 5.68
CA GLN A 108 6.90 -23.37 5.80
C GLN A 108 7.30 -23.99 4.47
N VAL A 109 6.99 -23.34 3.36
CA VAL A 109 7.36 -23.83 2.03
C VAL A 109 8.03 -22.69 1.26
N LEU A 110 9.21 -22.97 0.72
CA LEU A 110 9.96 -21.99 -0.08
C LEU A 110 10.59 -22.72 -1.29
N GLY A 111 10.78 -22.04 -2.41
CA GLY A 111 11.46 -22.63 -3.56
C GLY A 111 12.55 -21.72 -4.09
N VAL A 112 13.63 -22.39 -4.51
CA VAL A 112 14.70 -21.67 -5.23
C VAL A 112 14.42 -22.00 -6.70
N PHE A 113 14.11 -20.97 -7.49
CA PHE A 113 13.77 -21.18 -8.91
C PHE A 113 14.78 -20.47 -9.76
N ARG A 114 14.86 -20.85 -11.04
CA ARG A 114 15.72 -20.11 -11.98
C ARG A 114 14.97 -18.86 -12.43
N LEU A 115 15.69 -17.75 -12.53
CA LEU A 115 15.04 -16.48 -12.92
C LEU A 115 14.47 -16.67 -14.33
N PRO A 116 13.22 -16.24 -14.57
CA PRO A 116 12.63 -16.36 -15.88
C PRO A 116 13.24 -15.49 -16.98
N ARG A 117 13.24 -15.99 -18.22
CA ARG A 117 13.71 -15.17 -19.36
C ARG A 117 12.48 -14.71 -20.15
N ARG A 118 12.13 -13.43 -20.04
CA ARG A 118 10.93 -12.92 -20.73
C ARG A 118 11.28 -11.68 -21.57
N SER A 119 10.83 -11.66 -22.82
CA SER A 119 11.14 -10.54 -23.72
C SER A 119 9.86 -10.04 -24.39
N LEU A 120 9.81 -8.75 -24.70
CA LEU A 120 8.68 -8.18 -25.42
C LEU A 120 8.61 -8.63 -26.87
N ALA A 121 9.66 -9.28 -27.39
CA ALA A 121 9.66 -9.80 -28.75
C ALA A 121 8.41 -10.64 -29.03
N GLY A 122 8.12 -11.60 -28.16
CA GLY A 122 6.94 -12.43 -28.37
C GLY A 122 5.65 -11.94 -27.75
N VAL A 123 5.39 -10.63 -27.76
CA VAL A 123 4.16 -10.07 -27.21
C VAL A 123 3.35 -9.47 -28.34
N THR A 124 2.08 -9.88 -28.42
CA THR A 124 1.14 -9.23 -29.32
C THR A 124 -0.08 -8.80 -28.53
N LEU A 125 -0.59 -7.64 -28.88
CA LEU A 125 -1.75 -7.09 -28.22
C LEU A 125 -2.93 -7.14 -29.18
N GLY A 126 -4.13 -7.22 -28.62
CA GLY A 126 -5.35 -7.17 -29.38
C GLY A 126 -5.73 -5.74 -29.68
N ALA A 127 -7.01 -5.54 -29.97
CA ALA A 127 -7.45 -4.29 -30.57
C ALA A 127 -7.45 -3.14 -29.57
N ALA A 128 -7.86 -3.37 -28.33
CA ALA A 128 -8.04 -2.29 -27.37
C ALA A 128 -7.40 -2.71 -26.05
N PRO A 129 -6.08 -2.85 -26.01
CA PRO A 129 -5.43 -3.35 -24.78
C PRO A 129 -5.46 -2.30 -23.67
N LEU A 130 -5.28 -2.79 -22.45
CA LEU A 130 -5.19 -1.92 -21.26
C LEU A 130 -3.77 -2.07 -20.71
N VAL A 131 -2.99 -1.00 -20.75
CA VAL A 131 -1.54 -1.13 -20.39
C VAL A 131 -1.14 -0.19 -19.26
N LEU A 132 -0.23 -0.66 -18.42
CA LEU A 132 0.33 0.18 -17.35
C LEU A 132 1.84 0.35 -17.63
N VAL A 133 2.32 1.57 -17.52
CA VAL A 133 3.79 1.83 -17.64
C VAL A 133 4.22 2.46 -16.31
N LEU A 134 5.08 1.76 -15.59
CA LEU A 134 5.56 2.23 -14.27
C LEU A 134 6.99 2.76 -14.45
N LEU A 135 7.19 4.03 -14.13
CA LEU A 135 8.46 4.69 -14.37
C LEU A 135 9.18 4.99 -13.05
N GLY A 136 10.28 4.29 -12.77
CA GLY A 136 11.13 4.64 -11.61
C GLY A 136 10.53 4.38 -10.24
N LEU A 137 9.65 3.41 -10.13
CA LEU A 137 9.10 3.06 -8.80
C LEU A 137 10.21 2.40 -7.95
N GLU A 138 10.27 2.71 -6.66
CA GLU A 138 11.39 2.21 -5.83
C GLU A 138 10.92 1.27 -4.72
N LYS A 139 9.66 1.36 -4.32
CA LYS A 139 9.22 0.54 -3.17
C LYS A 139 8.63 -0.78 -3.68
N PRO A 140 9.26 -1.92 -3.34
CA PRO A 140 8.80 -3.20 -3.84
C PRO A 140 7.36 -3.49 -3.42
N GLY A 141 6.96 -2.98 -2.25
CA GLY A 141 5.58 -3.19 -1.83
C GLY A 141 4.60 -2.50 -2.77
N ASN A 142 4.95 -1.30 -3.22
CA ASN A 142 4.12 -0.62 -4.18
C ASN A 142 4.01 -1.40 -5.49
N LEU A 143 5.12 -1.94 -5.97
CA LEU A 143 5.14 -2.69 -7.26
C LEU A 143 4.23 -3.93 -7.10
N GLY A 144 4.41 -4.66 -6.02
CA GLY A 144 3.56 -5.81 -5.76
C GLY A 144 2.09 -5.47 -5.66
N ALA A 145 1.74 -4.35 -4.98
CA ALA A 145 0.32 -4.00 -4.92
C ALA A 145 -0.21 -3.65 -6.31
N ILE A 146 0.61 -3.00 -7.14
CA ILE A 146 0.18 -2.65 -8.52
C ILE A 146 -0.08 -3.94 -9.32
N LEU A 147 0.84 -4.89 -9.22
CA LEU A 147 0.65 -6.13 -9.98
C LEU A 147 -0.61 -6.86 -9.52
N ARG A 148 -0.85 -6.88 -8.21
CA ARG A 148 -2.12 -7.42 -7.71
C ARG A 148 -3.33 -6.68 -8.28
N ALA A 149 -3.29 -5.34 -8.34
CA ALA A 149 -4.40 -4.65 -9.00
C ALA A 149 -4.47 -4.93 -10.50
N ALA A 150 -3.34 -5.07 -11.16
CA ALA A 150 -3.34 -5.29 -12.62
C ALA A 150 -4.00 -6.63 -12.90
N ASP A 151 -3.70 -7.59 -12.05
CA ASP A 151 -4.30 -8.92 -12.11
C ASP A 151 -5.82 -8.83 -11.91
N GLY A 152 -6.25 -8.13 -10.85
CA GLY A 152 -7.70 -7.96 -10.62
C GLY A 152 -8.42 -7.33 -11.81
N ALA A 153 -7.81 -6.26 -12.37
CA ALA A 153 -8.42 -5.51 -13.44
C ALA A 153 -8.24 -6.14 -14.81
N GLY A 154 -7.44 -7.18 -14.92
CA GLY A 154 -7.18 -7.80 -16.22
C GLY A 154 -6.31 -6.97 -17.17
N ALA A 155 -5.29 -6.28 -16.67
CA ALA A 155 -4.40 -5.53 -17.56
C ALA A 155 -3.76 -6.45 -18.62
N ASP A 156 -3.63 -5.95 -19.85
CA ASP A 156 -3.01 -6.79 -20.88
C ASP A 156 -1.48 -6.75 -20.84
N LEU A 157 -0.92 -5.71 -20.23
CA LEU A 157 0.55 -5.56 -20.19
C LEU A 157 0.98 -4.59 -19.09
N VAL A 158 2.06 -4.95 -18.40
CA VAL A 158 2.66 -4.03 -17.39
C VAL A 158 4.14 -3.85 -17.76
N LEU A 159 4.53 -2.63 -18.11
CA LEU A 159 5.95 -2.32 -18.38
C LEU A 159 6.56 -1.68 -17.13
N VAL A 160 7.61 -2.29 -16.61
CA VAL A 160 8.31 -1.78 -15.40
C VAL A 160 9.61 -1.14 -15.90
N ALA A 161 9.64 0.19 -15.90
CA ALA A 161 10.76 0.89 -16.49
C ALA A 161 11.67 1.36 -15.37
N GLU A 162 12.87 0.77 -15.30
CA GLU A 162 13.93 1.23 -14.40
C GLU A 162 13.48 1.35 -12.94
N GLY A 163 12.80 0.34 -12.43
CA GLY A 163 12.47 0.55 -11.02
C GLY A 163 13.06 -0.52 -10.13
N VAL A 164 12.44 -0.71 -8.97
CA VAL A 164 12.85 -1.82 -8.09
C VAL A 164 12.70 -3.12 -8.89
N ASP A 165 13.46 -4.13 -8.52
CA ASP A 165 13.50 -5.37 -9.28
C ASP A 165 12.20 -6.17 -9.13
N LEU A 166 11.69 -6.71 -10.25
CA LEU A 166 10.41 -7.41 -10.30
C LEU A 166 10.34 -8.65 -9.39
N PHE A 167 11.47 -9.31 -9.16
CA PHE A 167 11.51 -10.51 -8.33
C PHE A 167 12.08 -10.27 -6.93
N SER A 168 11.89 -9.08 -6.39
CA SER A 168 12.16 -8.84 -4.98
C SER A 168 11.14 -9.61 -4.12
N PRO A 169 11.54 -10.10 -2.94
CA PRO A 169 10.58 -10.80 -2.07
C PRO A 169 9.27 -10.05 -1.83
N GLN A 170 9.30 -8.72 -1.61
CA GLN A 170 8.05 -8.03 -1.32
C GLN A 170 7.18 -7.87 -2.55
N VAL A 171 7.78 -7.84 -3.77
CA VAL A 171 6.95 -7.87 -4.97
C VAL A 171 6.23 -9.22 -5.03
N ILE A 172 6.97 -10.30 -4.81
CA ILE A 172 6.34 -11.63 -4.85
C ILE A 172 5.27 -11.75 -3.77
N ARG A 173 5.59 -11.33 -2.54
CA ARG A 173 4.62 -11.48 -1.46
C ARG A 173 3.40 -10.58 -1.65
N ASN A 174 3.61 -9.29 -1.96
CA ASN A 174 2.45 -8.41 -2.01
C ASN A 174 1.62 -8.59 -3.26
N SER A 175 2.16 -9.20 -4.34
CA SER A 175 1.32 -9.62 -5.47
C SER A 175 0.67 -10.97 -5.23
N THR A 176 0.94 -11.59 -4.07
CA THR A 176 0.49 -12.94 -3.73
C THR A 176 0.83 -13.91 -4.85
N GLY A 177 1.98 -13.70 -5.50
CA GLY A 177 2.48 -14.52 -6.58
C GLY A 177 1.95 -14.19 -7.96
N ALA A 178 1.10 -13.18 -8.10
CA ALA A 178 0.61 -12.80 -9.41
C ALA A 178 1.74 -12.34 -10.33
N VAL A 179 2.90 -11.95 -9.78
CA VAL A 179 4.02 -11.53 -10.61
C VAL A 179 4.41 -12.60 -11.61
N PHE A 180 4.22 -13.91 -11.30
CA PHE A 180 4.77 -14.94 -12.18
C PHE A 180 3.93 -15.18 -13.44
N ALA A 181 2.63 -14.94 -13.37
CA ALA A 181 1.76 -15.19 -14.52
C ALA A 181 1.35 -13.93 -15.26
N LEU A 182 1.32 -12.78 -14.60
CA LEU A 182 0.98 -11.52 -15.26
C LEU A 182 1.93 -11.20 -16.42
N PRO A 183 1.42 -10.57 -17.48
CA PRO A 183 2.32 -10.13 -18.56
C PRO A 183 3.05 -8.86 -18.14
N VAL A 184 4.05 -9.01 -17.28
CA VAL A 184 4.81 -7.88 -16.75
C VAL A 184 6.26 -7.99 -17.25
N TYR A 185 6.84 -6.88 -17.72
CA TYR A 185 8.14 -6.93 -18.36
C TYR A 185 9.01 -5.78 -17.87
N PRO A 186 10.18 -6.04 -17.34
CA PRO A 186 11.12 -4.94 -17.06
C PRO A 186 11.78 -4.47 -18.35
N VAL A 187 11.84 -3.15 -18.52
CA VAL A 187 12.37 -2.56 -19.74
C VAL A 187 13.17 -1.32 -19.37
N ALA A 188 14.15 -1.00 -20.22
CA ALA A 188 14.79 0.30 -20.19
C ALA A 188 13.77 1.38 -20.55
N GLU A 189 13.90 2.53 -19.90
CA GLU A 189 12.99 3.65 -20.16
C GLU A 189 12.88 3.93 -21.65
N GLU A 190 14.00 3.90 -22.36
CA GLU A 190 13.96 4.21 -23.77
C GLU A 190 13.28 3.11 -24.56
N GLU A 191 13.33 1.87 -24.08
CA GLU A 191 12.62 0.79 -24.77
C GLU A 191 11.12 0.88 -24.54
N ALA A 192 10.71 1.30 -23.33
CA ALA A 192 9.30 1.54 -23.11
C ALA A 192 8.77 2.55 -24.12
N ALA A 193 9.51 3.64 -24.32
CA ALA A 193 9.09 4.68 -25.26
C ALA A 193 8.96 4.11 -26.68
N ARG A 194 9.92 3.28 -27.10
CA ARG A 194 9.87 2.69 -28.43
C ARG A 194 8.73 1.68 -28.58
N PHE A 195 8.55 0.81 -27.58
CA PHE A 195 7.46 -0.15 -27.67
C PHE A 195 6.12 0.56 -27.77
N LEU A 196 5.93 1.63 -26.99
CA LEU A 196 4.68 2.38 -27.05
C LEU A 196 4.50 3.03 -28.42
N GLU A 197 5.54 3.68 -28.96
CA GLU A 197 5.43 4.23 -30.30
C GLU A 197 5.14 3.14 -31.33
N GLU A 198 5.84 2.01 -31.23
CA GLU A 198 5.63 0.89 -32.14
C GLU A 198 4.17 0.42 -32.16
N GLN A 199 3.54 0.36 -31.00
CA GLN A 199 2.19 -0.18 -30.89
C GLN A 199 1.14 0.86 -31.16
N ASN A 200 1.55 2.11 -31.38
CA ASN A 200 0.61 3.22 -31.59
C ASN A 200 -0.44 3.23 -30.48
N LEU A 201 0.04 3.20 -29.20
CA LEU A 201 -0.85 3.20 -28.04
C LEU A 201 -0.97 4.59 -27.50
N PRO A 202 -2.18 5.12 -27.35
CA PRO A 202 -2.33 6.44 -26.70
C PRO A 202 -1.80 6.40 -25.27
N LEU A 203 -1.03 7.42 -24.91
CA LEU A 203 -0.41 7.46 -23.59
C LEU A 203 -1.19 8.44 -22.72
N VAL A 204 -1.54 8.01 -21.51
CA VAL A 204 -2.29 8.84 -20.58
C VAL A 204 -1.44 9.00 -19.33
N ALA A 205 -0.93 10.21 -19.09
CA ALA A 205 -0.03 10.46 -17.96
C ALA A 205 -0.84 10.79 -16.71
N ALA A 206 -0.67 9.99 -15.68
CA ALA A 206 -1.33 10.27 -14.39
C ALA A 206 -0.42 11.18 -13.58
N THR A 207 -0.92 12.36 -13.23
CA THR A 207 -0.09 13.26 -12.45
C THR A 207 -0.98 14.19 -11.62
N PRO A 208 -0.61 14.51 -10.38
CA PRO A 208 -1.58 15.17 -9.48
C PRO A 208 -2.09 16.49 -10.01
N GLU A 209 -1.36 17.11 -10.94
CA GLU A 209 -1.72 18.44 -11.46
C GLU A 209 -2.32 18.32 -12.86
N GLY A 210 -2.53 17.09 -13.34
CA GLY A 210 -3.14 16.85 -14.66
C GLY A 210 -4.34 17.73 -14.95
N GLU A 211 -4.44 18.22 -16.18
CA GLU A 211 -5.52 19.16 -16.57
C GLU A 211 -6.90 18.50 -16.59
N ARG A 212 -6.94 17.18 -16.75
CA ARG A 212 -8.23 16.49 -16.89
C ARG A 212 -8.54 15.51 -15.75
N LEU A 213 -9.72 15.63 -15.17
CA LEU A 213 -10.15 14.65 -14.16
C LEU A 213 -10.10 13.28 -14.85
N TYR A 214 -9.60 12.27 -14.15
CA TYR A 214 -9.41 10.94 -14.80
C TYR A 214 -10.72 10.32 -15.30
N TRP A 215 -11.84 10.64 -14.67
CA TRP A 215 -13.14 10.07 -15.09
C TRP A 215 -13.54 10.63 -16.46
N GLU A 216 -12.94 11.75 -16.87
CA GLU A 216 -13.28 12.40 -18.13
C GLU A 216 -12.42 11.93 -19.31
N GLY A 217 -11.54 10.95 -19.11
CA GLY A 217 -10.85 10.31 -20.22
C GLY A 217 -11.65 9.14 -20.75
N ASP A 218 -11.55 8.86 -22.05
CA ASP A 218 -12.20 7.70 -22.63
C ASP A 218 -11.17 6.57 -22.77
N TYR A 219 -11.37 5.47 -22.03
CA TYR A 219 -10.37 4.41 -21.99
C TYR A 219 -10.91 3.13 -22.62
N ARG A 220 -11.94 3.25 -23.46
CA ARG A 220 -12.50 2.03 -24.02
C ARG A 220 -11.71 1.57 -25.24
N GLY A 221 -10.94 2.44 -25.88
CA GLY A 221 -9.95 2.03 -26.85
C GLY A 221 -8.62 1.68 -26.19
N GLY A 222 -7.63 1.36 -27.04
CA GLY A 222 -6.31 1.04 -26.48
C GLY A 222 -5.76 2.22 -25.68
N VAL A 223 -5.15 1.92 -24.53
CA VAL A 223 -4.66 2.97 -23.65
C VAL A 223 -3.50 2.44 -22.83
N ALA A 224 -2.53 3.31 -22.57
CA ALA A 224 -1.40 3.01 -21.69
C ALA A 224 -1.37 4.11 -20.65
N PHE A 225 -1.55 3.71 -19.39
CA PHE A 225 -1.45 4.67 -18.26
C PHE A 225 0.01 4.74 -17.81
N LEU A 226 0.48 5.96 -17.58
CA LEU A 226 1.85 6.21 -17.13
C LEU A 226 1.85 6.68 -15.68
N LEU A 227 2.61 5.95 -14.86
CA LEU A 227 2.74 6.24 -13.41
C LEU A 227 4.22 6.57 -13.10
N GLY A 228 4.45 7.59 -12.26
CA GLY A 228 5.78 8.04 -11.93
C GLY A 228 6.27 7.59 -10.54
N ALA A 229 7.51 8.02 -10.25
CA ALA A 229 8.20 7.62 -9.04
C ALA A 229 7.52 8.17 -7.80
N GLU A 230 7.64 7.43 -6.70
CA GLU A 230 7.00 7.85 -5.44
C GLU A 230 7.52 9.23 -5.01
N ASP A 231 8.82 9.48 -5.19
CA ASP A 231 9.27 10.78 -4.66
C ASP A 231 9.10 11.88 -5.70
N LYS A 232 9.75 11.75 -6.84
CA LYS A 232 9.81 12.84 -7.81
C LYS A 232 8.65 12.85 -8.79
N GLY A 233 7.88 11.75 -8.90
CA GLY A 233 6.83 11.70 -9.91
C GLY A 233 7.32 11.46 -11.34
N LEU A 234 6.48 11.87 -12.32
CA LEU A 234 6.81 11.60 -13.71
C LEU A 234 7.77 12.65 -14.23
N PRO A 235 8.76 12.26 -15.03
CA PRO A 235 9.60 13.27 -15.69
C PRO A 235 8.78 14.10 -16.67
N GLU A 236 9.17 15.36 -16.85
CA GLU A 236 8.44 16.23 -17.77
C GLU A 236 8.38 15.65 -19.17
N ALA A 237 9.46 15.04 -19.65
CA ALA A 237 9.45 14.51 -21.02
C ALA A 237 8.34 13.49 -21.21
N TRP A 238 8.05 12.70 -20.17
CA TRP A 238 6.98 11.72 -20.28
C TRP A 238 5.61 12.39 -20.26
N LYS A 239 5.45 13.41 -19.43
CA LYS A 239 4.18 14.13 -19.44
C LYS A 239 3.88 14.68 -20.84
N ARG A 240 4.91 15.20 -21.52
CA ARG A 240 4.71 15.79 -22.85
C ARG A 240 4.32 14.74 -23.88
N ARG A 241 4.94 13.56 -23.81
CA ARG A 241 4.62 12.49 -24.75
C ARG A 241 3.15 12.11 -24.67
N ALA A 242 2.52 12.29 -23.51
CA ALA A 242 1.17 11.79 -23.33
C ALA A 242 0.20 12.63 -24.16
N GLN A 243 -0.82 11.97 -24.70
CA GLN A 243 -1.93 12.69 -25.32
C GLN A 243 -2.70 13.53 -24.32
N VAL A 244 -2.83 12.98 -23.11
CA VAL A 244 -3.63 13.65 -22.05
C VAL A 244 -2.96 13.42 -20.69
N ARG A 245 -3.02 14.43 -19.82
CA ARG A 245 -2.52 14.29 -18.44
C ARG A 245 -3.77 14.29 -17.54
N VAL A 246 -3.97 13.21 -16.79
CA VAL A 246 -5.15 13.09 -15.93
C VAL A 246 -4.75 13.14 -14.47
N ARG A 247 -5.68 13.64 -13.68
CA ARG A 247 -5.44 13.72 -12.24
C ARG A 247 -6.57 13.03 -11.49
N ILE A 248 -6.23 12.50 -10.32
CA ILE A 248 -7.26 11.96 -9.42
C ILE A 248 -7.46 13.07 -8.37
N PRO A 249 -8.71 13.51 -8.14
CA PRO A 249 -8.93 14.61 -7.21
C PRO A 249 -8.44 14.33 -5.80
N MET A 250 -7.86 15.35 -5.17
CA MET A 250 -7.39 15.24 -3.77
C MET A 250 -8.24 16.21 -2.94
N ARG A 251 -8.91 15.72 -1.93
CA ARG A 251 -9.91 16.55 -1.23
C ARG A 251 -9.50 16.85 0.19
N GLY A 252 -8.31 16.45 0.62
CA GLY A 252 -7.95 16.56 2.02
C GLY A 252 -6.62 17.30 2.13
N ARG A 253 -5.83 16.87 3.12
CA ARG A 253 -4.52 17.48 3.32
C ARG A 253 -3.44 16.85 2.44
N ALA A 254 -3.57 15.56 2.17
CA ALA A 254 -2.57 14.88 1.32
C ALA A 254 -2.47 15.55 -0.04
N ASP A 255 -1.25 15.75 -0.52
CA ASP A 255 -1.02 16.29 -1.85
C ASP A 255 -1.10 15.25 -2.98
N SER A 256 -0.83 14.00 -2.70
CA SER A 256 -0.78 12.99 -3.77
C SER A 256 -1.23 11.71 -3.13
N LEU A 257 -1.57 10.74 -3.98
CA LEU A 257 -1.94 9.42 -3.46
C LEU A 257 -0.75 8.46 -3.62
N ASN A 258 -0.85 7.32 -2.97
CA ASN A 258 0.16 6.25 -3.18
C ASN A 258 0.11 5.82 -4.65
N VAL A 259 1.24 5.41 -5.20
CA VAL A 259 1.30 5.07 -6.65
C VAL A 259 0.44 3.84 -6.97
N ALA A 260 0.38 2.88 -6.06
CA ALA A 260 -0.40 1.64 -6.32
C ALA A 260 -1.88 1.95 -6.24
N VAL A 261 -2.27 2.78 -5.27
CA VAL A 261 -3.69 3.20 -5.19
C VAL A 261 -4.05 3.91 -6.50
N THR A 262 -3.17 4.80 -6.95
CA THR A 262 -3.42 5.54 -8.21
C THR A 262 -3.62 4.56 -9.36
N ALA A 263 -2.67 3.63 -9.52
CA ALA A 263 -2.76 2.63 -10.61
C ALA A 263 -4.09 1.86 -10.55
N ALA A 264 -4.47 1.41 -9.37
CA ALA A 264 -5.73 0.64 -9.22
C ALA A 264 -6.92 1.50 -9.64
N LEU A 265 -6.94 2.74 -9.18
CA LEU A 265 -8.06 3.66 -9.51
C LEU A 265 -8.17 3.83 -11.03
N LEU A 266 -7.03 3.96 -11.69
CA LEU A 266 -7.02 4.14 -13.16
C LEU A 266 -7.48 2.85 -13.85
N LEU A 267 -6.92 1.74 -13.42
CA LEU A 267 -7.29 0.44 -14.03
C LEU A 267 -8.79 0.21 -13.88
N TYR A 268 -9.34 0.46 -12.70
CA TYR A 268 -10.78 0.11 -12.46
C TYR A 268 -11.70 1.12 -13.14
N GLU A 269 -11.24 2.35 -13.34
CA GLU A 269 -12.08 3.31 -14.11
C GLU A 269 -12.19 2.81 -15.55
N ALA A 270 -11.09 2.35 -16.11
CA ALA A 270 -11.09 1.79 -17.47
C ALA A 270 -11.98 0.55 -17.52
N LEU A 271 -11.88 -0.31 -16.51
CA LEU A 271 -12.73 -1.53 -16.46
C LEU A 271 -14.21 -1.12 -16.39
N ARG A 272 -14.53 -0.15 -15.56
CA ARG A 272 -15.92 0.34 -15.45
C ARG A 272 -16.42 0.73 -16.85
N GLN A 273 -15.62 1.52 -17.55
CA GLN A 273 -16.02 1.98 -18.90
C GLN A 273 -16.17 0.77 -19.82
N ARG A 274 -15.22 -0.16 -19.75
CA ARG A 274 -15.24 -1.35 -20.65
C ARG A 274 -16.39 -2.28 -20.24
N SER A 275 -16.95 -2.09 -19.06
CA SER A 275 -18.03 -2.98 -18.56
C SER A 275 -19.41 -2.33 -18.79
N GLY A 276 -19.45 -1.20 -19.49
CA GLY A 276 -20.74 -0.57 -19.82
C GLY A 276 -20.84 0.88 -19.41
N GLY A 277 -19.89 1.34 -18.59
CA GLY A 277 -19.98 2.71 -18.06
C GLY A 277 -19.56 3.78 -19.05
N ALA A 278 -20.15 4.96 -18.90
CA ALA A 278 -19.76 6.07 -19.76
C ALA A 278 -18.71 6.94 -19.10
N PRO A 279 -17.79 7.54 -19.90
CA PRO A 279 -16.89 8.53 -19.35
C PRO A 279 -17.71 9.69 -18.81
N LEU A 280 -17.15 10.45 -17.86
CA LEU A 280 -17.82 11.61 -17.26
C LEU A 280 -17.82 12.81 -18.21
N MET B 21 24.20 23.05 25.46
CA MET B 21 22.77 22.84 25.13
C MET B 21 22.61 21.60 24.24
N ARG B 22 23.58 21.34 23.34
CA ARG B 22 23.40 20.20 22.46
C ARG B 22 23.36 18.88 23.22
N ILE B 23 22.56 17.94 22.75
CA ILE B 23 22.47 16.63 23.39
C ILE B 23 23.19 15.65 22.48
N GLU B 24 24.37 15.17 22.93
CA GLU B 24 25.24 14.42 22.04
C GLU B 24 25.27 12.92 22.32
N SER B 25 25.03 12.52 23.53
CA SER B 25 25.18 11.11 23.88
C SER B 25 23.84 10.40 23.83
N PRO B 26 23.75 9.20 23.20
CA PRO B 26 22.51 8.43 23.24
C PRO B 26 22.14 8.02 24.65
N GLN B 27 23.06 8.19 25.59
CA GLN B 27 22.77 7.71 26.96
C GLN B 27 22.24 8.87 27.81
N ASN B 28 22.30 10.09 27.29
CA ASN B 28 21.77 11.23 28.03
C ASN B 28 20.37 10.90 28.52
N PRO B 29 20.02 11.23 29.77
CA PRO B 29 18.69 10.85 30.29
C PRO B 29 17.53 11.37 29.47
N ARG B 30 17.67 12.53 28.83
CA ARG B 30 16.56 13.04 28.04
C ARG B 30 16.31 12.16 26.81
N VAL B 31 17.38 11.69 26.17
CA VAL B 31 17.24 10.78 25.04
C VAL B 31 16.49 9.52 25.47
N LYS B 32 16.77 9.06 26.68
CA LYS B 32 16.10 7.84 27.18
C LYS B 32 14.60 8.11 27.27
N ALA B 33 14.23 9.27 27.79
CA ALA B 33 12.81 9.55 27.95
C ALA B 33 12.11 9.70 26.60
N LEU B 34 12.81 10.23 25.59
CA LEU B 34 12.21 10.45 24.28
C LEU B 34 12.04 9.13 23.54
N ALA B 35 13.05 8.26 23.61
CA ALA B 35 13.00 6.95 22.97
C ALA B 35 11.97 6.04 23.60
N ALA B 36 11.59 6.30 24.85
CA ALA B 36 10.56 5.47 25.46
C ALA B 36 9.18 5.71 24.86
N LEU B 37 8.98 6.83 24.18
CA LEU B 37 7.70 7.12 23.53
C LEU B 37 7.42 6.17 22.36
N LYS B 38 8.41 5.38 21.95
CA LYS B 38 8.18 4.34 20.95
C LYS B 38 7.15 3.32 21.44
N GLU B 39 6.95 3.18 22.73
CA GLU B 39 6.04 2.18 23.25
C GLU B 39 4.69 2.82 23.57
N ARG B 40 3.62 2.16 23.14
CA ARG B 40 2.28 2.71 23.34
C ARG B 40 2.00 2.97 24.81
N LYS B 41 2.42 2.07 25.71
CA LYS B 41 2.14 2.29 27.12
C LYS B 41 2.72 3.60 27.63
N GLU B 42 3.94 3.94 27.16
CA GLU B 42 4.54 5.19 27.58
C GLU B 42 3.81 6.38 26.98
N ARG B 43 3.38 6.26 25.71
CA ARG B 43 2.56 7.32 25.12
C ARG B 43 1.31 7.55 25.93
N GLU B 44 0.63 6.47 26.31
CA GLU B 44 -0.55 6.61 27.16
C GLU B 44 -0.17 7.22 28.50
N ARG B 45 0.89 6.70 29.12
CA ARG B 45 1.28 7.14 30.45
C ARG B 45 1.52 8.65 30.46
N THR B 46 2.25 9.15 29.47
CA THR B 46 2.65 10.56 29.46
C THR B 46 1.71 11.46 28.68
N GLY B 47 0.88 10.91 27.80
CA GLY B 47 0.08 11.78 26.97
C GLY B 47 0.89 12.44 25.88
N ARG B 48 1.97 11.79 25.43
CA ARG B 48 2.83 12.38 24.41
C ARG B 48 3.20 11.32 23.39
N PHE B 49 3.49 11.78 22.17
CA PHE B 49 3.91 10.85 21.13
C PHE B 49 4.86 11.58 20.20
N LEU B 50 5.65 10.80 19.47
CA LEU B 50 6.65 11.30 18.54
C LEU B 50 6.13 11.33 17.11
N VAL B 51 6.43 12.42 16.41
CA VAL B 51 6.09 12.61 15.01
C VAL B 51 7.41 12.82 14.29
N GLU B 52 7.79 11.85 13.48
CA GLU B 52 9.12 11.88 12.82
C GLU B 52 9.01 12.33 11.37
N GLY B 53 9.85 13.28 10.99
CA GLY B 53 9.89 13.69 9.60
C GLY B 53 9.34 15.09 9.36
N ARG B 54 10.04 15.93 8.59
CA ARG B 54 9.58 17.32 8.43
C ARG B 54 8.12 17.38 7.94
N ARG B 55 7.77 16.59 6.94
CA ARG B 55 6.39 16.69 6.36
C ARG B 55 5.33 16.35 7.43
N GLU B 56 5.58 15.31 8.20
CA GLU B 56 4.59 14.86 9.21
C GLU B 56 4.49 15.90 10.32
N VAL B 57 5.63 16.49 10.70
CA VAL B 57 5.56 17.55 11.72
C VAL B 57 4.75 18.74 11.20
N GLU B 58 5.00 19.16 9.95
CA GLU B 58 4.21 20.23 9.34
C GLU B 58 2.73 19.91 9.41
N ARG B 59 2.40 18.68 9.05
CA ARG B 59 0.96 18.30 8.99
C ARG B 59 0.38 18.25 10.41
N ALA B 60 1.15 17.74 11.38
CA ALA B 60 0.64 17.72 12.75
C ALA B 60 0.39 19.13 13.25
N LEU B 61 1.28 20.07 12.90
CA LEU B 61 1.09 21.44 13.34
C LEU B 61 -0.14 22.04 12.66
N GLU B 62 -0.21 21.89 11.33
CA GLU B 62 -1.32 22.47 10.57
C GLU B 62 -2.65 21.92 11.04
N ALA B 63 -2.64 20.69 11.57
CA ALA B 63 -3.83 20.10 12.14
C ALA B 63 -4.18 20.66 13.50
N GLY B 64 -3.32 21.47 14.10
CA GLY B 64 -3.66 22.07 15.39
C GLY B 64 -3.18 21.30 16.61
N LEU B 65 -2.32 20.30 16.44
CA LEU B 65 -1.82 19.57 17.59
C LEU B 65 -0.78 20.41 18.33
N SER B 66 -0.63 20.12 19.63
CA SER B 66 0.24 20.92 20.52
C SER B 66 1.64 20.33 20.51
N LEU B 67 2.59 21.07 19.97
CA LEU B 67 3.99 20.69 19.98
C LEU B 67 4.60 21.02 21.34
N GLU B 68 5.19 20.04 22.00
CA GLU B 68 5.82 20.25 23.32
C GLU B 68 7.34 20.36 23.19
N THR B 69 7.95 19.52 22.35
CA THR B 69 9.41 19.53 22.20
C THR B 69 9.74 19.30 20.74
N LEU B 70 10.51 20.20 20.15
CA LEU B 70 11.03 20.02 18.80
C LEU B 70 12.45 19.47 18.84
N LEU B 71 12.70 18.44 18.06
CA LEU B 71 14.01 17.77 18.01
C LEU B 71 14.64 18.03 16.64
N LEU B 72 15.85 18.60 16.63
CA LEU B 72 16.55 18.93 15.38
C LEU B 72 17.87 18.19 15.28
N GLY B 73 18.07 17.50 14.16
CA GLY B 73 19.36 16.87 13.90
C GLY B 73 20.37 17.83 13.31
N PRO B 74 21.58 17.32 13.08
CA PRO B 74 22.66 18.18 12.60
C PRO B 74 22.43 18.75 11.22
N LYS B 75 21.59 18.12 10.39
CA LYS B 75 21.29 18.64 9.06
C LYS B 75 19.99 19.42 8.98
N ALA B 76 19.37 19.79 10.10
CA ALA B 76 18.16 20.59 10.05
C ALA B 76 18.42 21.93 9.35
N ARG B 77 17.37 22.47 8.73
CA ARG B 77 17.40 23.78 8.06
C ARG B 77 17.13 24.90 9.05
N PRO B 78 17.55 26.15 8.74
CA PRO B 78 17.20 27.27 9.64
C PRO B 78 15.71 27.39 9.87
N GLU B 79 14.88 27.15 8.84
CA GLU B 79 13.44 27.31 9.00
C GLU B 79 12.87 26.30 10.00
N ASP B 80 13.51 25.14 10.16
CA ASP B 80 12.97 24.12 11.07
C ASP B 80 12.85 24.63 12.50
N ARG B 81 13.87 25.31 12.99
CA ARG B 81 13.76 25.85 14.34
C ARG B 81 12.55 26.79 14.47
N ALA B 82 12.21 27.52 13.40
CA ALA B 82 11.09 28.46 13.47
C ALA B 82 9.75 27.76 13.64
N LEU B 83 9.69 26.43 13.48
CA LEU B 83 8.44 25.68 13.68
C LEU B 83 8.02 25.57 15.16
N ALA B 84 8.90 25.87 16.12
CA ALA B 84 8.68 25.46 17.51
C ALA B 84 7.50 26.19 18.18
N GLY B 85 7.25 27.44 17.84
CA GLY B 85 6.09 28.11 18.41
C GLY B 85 6.12 28.23 19.92
N GLY B 86 7.30 28.42 20.52
CA GLY B 86 7.39 28.45 21.97
C GLY B 86 7.62 27.11 22.65
N ALA B 87 7.73 26.02 21.91
CA ALA B 87 8.10 24.78 22.56
C ALA B 87 9.62 24.73 22.76
N GLU B 88 10.03 23.90 23.71
CA GLU B 88 11.45 23.60 23.89
C GLU B 88 12.03 23.00 22.61
N VAL B 89 13.16 23.52 22.18
CA VAL B 89 13.93 23.00 21.03
C VAL B 89 15.19 22.30 21.54
N LEU B 90 15.37 21.03 21.18
CA LEU B 90 16.56 20.25 21.50
C LEU B 90 17.35 19.96 20.24
N GLU B 91 18.65 20.20 20.28
CA GLU B 91 19.56 19.85 19.19
C GLU B 91 20.21 18.53 19.56
N LEU B 92 20.01 17.50 18.75
CA LEU B 92 20.57 16.20 19.03
C LEU B 92 21.62 15.87 17.99
N SER B 93 22.58 15.03 18.37
CA SER B 93 23.52 14.51 17.39
C SER B 93 22.89 13.37 16.60
N GLU B 94 23.60 12.92 15.55
CA GLU B 94 23.12 11.76 14.80
C GLU B 94 22.95 10.57 15.73
N ARG B 95 23.88 10.40 16.66
CA ARG B 95 23.83 9.20 17.54
C ARG B 95 22.64 9.30 18.50
N ALA B 96 22.41 10.49 19.06
CA ALA B 96 21.23 10.64 19.90
C ALA B 96 19.96 10.53 19.06
N LEU B 97 19.96 11.13 17.88
CA LEU B 97 18.82 11.00 16.98
C LEU B 97 18.48 9.53 16.71
N ALA B 98 19.50 8.69 16.54
CA ALA B 98 19.27 7.29 16.13
C ALA B 98 18.52 6.49 17.17
N ARG B 99 18.63 6.89 18.44
CA ARG B 99 18.00 6.17 19.54
C ARG B 99 16.52 6.52 19.63
N VAL B 100 16.14 7.69 19.15
CA VAL B 100 14.75 8.15 19.21
C VAL B 100 13.95 7.77 17.97
N SER B 101 14.61 7.76 16.81
CA SER B 101 14.01 7.51 15.51
C SER B 101 13.42 6.11 15.38
N ALA B 102 12.48 5.95 14.46
CA ALA B 102 11.95 4.60 14.18
C ALA B 102 12.61 4.12 12.90
N ARG B 103 13.57 4.89 12.40
CA ARG B 103 14.17 4.56 11.09
C ARG B 103 15.64 4.17 11.17
N GLU B 104 16.07 3.33 10.23
CA GLU B 104 17.51 2.99 10.13
C GLU B 104 18.24 4.29 9.80
N ASN B 105 17.66 5.13 8.93
CA ASN B 105 18.27 6.44 8.58
C ASN B 105 17.33 7.54 9.07
N PRO B 106 17.57 8.10 10.27
CA PRO B 106 16.61 9.04 10.85
C PRO B 106 16.30 10.36 10.18
N ALA B 107 15.08 10.86 10.43
CA ALA B 107 14.72 12.19 10.01
C ALA B 107 15.55 13.21 10.77
N GLN B 108 15.67 14.39 10.20
CA GLN B 108 16.34 15.52 10.84
C GLN B 108 15.39 16.42 11.63
N VAL B 109 14.06 16.24 11.47
CA VAL B 109 13.07 17.02 12.20
C VAL B 109 12.10 16.03 12.84
N LEU B 110 11.90 16.13 14.16
CA LEU B 110 10.90 15.33 14.84
C LEU B 110 10.21 16.23 15.84
N GLY B 111 9.00 15.87 16.23
CA GLY B 111 8.26 16.63 17.21
C GLY B 111 7.61 15.76 18.25
N VAL B 112 7.65 16.21 19.51
CA VAL B 112 6.92 15.56 20.59
C VAL B 112 5.63 16.35 20.76
N PHE B 113 4.50 15.71 20.44
CA PHE B 113 3.22 16.40 20.52
C PHE B 113 2.40 15.78 21.64
N ARG B 114 1.43 16.54 22.11
CA ARG B 114 0.45 16.00 23.05
C ARG B 114 -0.54 15.08 22.33
N LEU B 115 -0.87 13.94 22.94
CA LEU B 115 -1.85 13.03 22.35
C LEU B 115 -3.21 13.71 22.25
N PRO B 116 -3.84 13.72 21.03
CA PRO B 116 -5.17 14.26 20.88
C PRO B 116 -6.17 13.33 21.53
N ARG B 117 -7.25 13.91 22.05
CA ARG B 117 -8.31 13.08 22.66
C ARG B 117 -9.65 13.54 22.07
N ARG B 118 -10.10 12.86 21.03
CA ARG B 118 -11.36 13.27 20.34
C ARG B 118 -12.49 12.25 20.60
N SER B 119 -13.68 12.74 20.88
CA SER B 119 -14.85 11.86 21.10
C SER B 119 -15.82 12.04 19.92
N LEU B 120 -16.55 11.00 19.58
CA LEU B 120 -17.55 11.10 18.50
C LEU B 120 -18.76 11.88 19.00
N ALA B 121 -18.88 12.07 20.31
CA ALA B 121 -20.14 12.63 20.80
C ALA B 121 -20.51 13.92 20.08
N GLY B 122 -19.54 14.82 19.90
CA GLY B 122 -19.90 16.07 19.26
C GLY B 122 -20.31 15.94 17.81
N VAL B 123 -19.71 14.99 17.11
CA VAL B 123 -19.81 14.89 15.63
C VAL B 123 -21.22 15.00 15.06
N THR B 124 -21.36 15.88 14.08
CA THR B 124 -22.62 15.99 13.36
C THR B 124 -22.23 15.93 11.90
N LEU B 125 -22.94 15.13 11.12
CA LEU B 125 -22.59 14.98 9.70
C LEU B 125 -23.58 15.77 8.86
N GLY B 126 -23.22 16.05 7.61
CA GLY B 126 -24.15 16.73 6.71
C GLY B 126 -25.19 15.79 6.11
N ALA B 127 -25.84 16.21 5.04
CA ALA B 127 -26.97 15.46 4.44
C ALA B 127 -26.51 14.27 3.60
N ALA B 128 -25.32 14.34 3.01
CA ALA B 128 -24.89 13.23 2.12
C ALA B 128 -23.44 12.90 2.46
N PRO B 129 -23.17 12.34 3.66
CA PRO B 129 -21.80 12.10 4.04
C PRO B 129 -21.17 10.92 3.36
N LEU B 130 -19.85 10.89 3.38
CA LEU B 130 -19.08 9.75 2.84
C LEU B 130 -18.37 9.15 4.06
N VAL B 131 -18.80 7.97 4.46
CA VAL B 131 -18.26 7.40 5.73
C VAL B 131 -17.61 6.03 5.48
N LEU B 132 -16.50 5.81 6.14
CA LEU B 132 -15.85 4.52 6.11
C LEU B 132 -15.89 3.91 7.50
N VAL B 133 -16.26 2.63 7.58
CA VAL B 133 -16.30 1.92 8.83
C VAL B 133 -15.35 0.73 8.71
N LEU B 134 -14.27 0.73 9.52
CA LEU B 134 -13.26 -0.32 9.46
C LEU B 134 -13.49 -1.25 10.64
N LEU B 135 -13.88 -2.47 10.35
CA LEU B 135 -14.26 -3.42 11.37
C LEU B 135 -13.10 -4.38 11.56
N GLY B 136 -12.79 -4.71 12.81
CA GLY B 136 -11.69 -5.62 13.11
C GLY B 136 -10.40 -4.88 13.45
N LEU B 137 -9.33 -5.65 13.54
CA LEU B 137 -8.01 -5.04 13.84
C LEU B 137 -7.11 -5.15 12.60
N GLU B 138 -6.74 -4.00 12.05
CA GLU B 138 -5.88 -3.99 10.85
C GLU B 138 -4.41 -3.78 11.28
N LYS B 139 -3.48 -4.20 10.44
CA LYS B 139 -2.04 -3.95 10.70
C LYS B 139 -1.77 -2.45 10.57
N PRO B 140 -0.88 -1.90 11.41
CA PRO B 140 -0.67 -0.44 11.43
C PRO B 140 -0.32 0.14 10.07
N GLY B 141 0.48 -0.57 9.29
CA GLY B 141 0.90 -0.03 7.99
C GLY B 141 -0.26 0.08 7.04
N ASN B 142 -1.10 -0.96 6.99
CA ASN B 142 -2.32 -0.93 6.14
C ASN B 142 -3.25 0.19 6.62
N LEU B 143 -3.42 0.31 7.93
CA LEU B 143 -4.32 1.35 8.47
C LEU B 143 -3.83 2.74 7.99
N GLY B 144 -2.53 2.97 8.09
CA GLY B 144 -2.07 4.29 7.67
C GLY B 144 -2.39 4.56 6.22
N ALA B 145 -2.22 3.54 5.36
CA ALA B 145 -2.55 3.69 3.95
C ALA B 145 -4.04 3.91 3.72
N ILE B 146 -4.90 3.19 4.46
CA ILE B 146 -6.34 3.42 4.35
C ILE B 146 -6.68 4.88 4.67
N LEU B 147 -6.11 5.40 5.75
CA LEU B 147 -6.43 6.76 6.17
C LEU B 147 -5.94 7.79 5.17
N ARG B 148 -4.85 7.50 4.46
CA ARG B 148 -4.41 8.43 3.39
C ARG B 148 -5.47 8.43 2.29
N ALA B 149 -5.91 7.23 1.91
CA ALA B 149 -6.95 7.16 0.87
C ALA B 149 -8.20 7.92 1.33
N ALA B 150 -8.61 7.67 2.57
CA ALA B 150 -9.81 8.34 3.06
C ALA B 150 -9.65 9.86 3.02
N ASP B 151 -8.47 10.36 3.38
CA ASP B 151 -8.19 11.80 3.31
C ASP B 151 -8.23 12.32 1.89
N GLY B 152 -7.63 11.58 0.96
CA GLY B 152 -7.68 11.97 -0.46
C GLY B 152 -9.09 12.12 -0.98
N ALA B 153 -9.96 11.18 -0.65
CA ALA B 153 -11.34 11.19 -1.19
C ALA B 153 -12.24 12.15 -0.39
N GLY B 154 -11.70 12.76 0.66
CA GLY B 154 -12.49 13.65 1.51
C GLY B 154 -13.58 12.96 2.31
N ALA B 155 -13.28 11.80 2.87
CA ALA B 155 -14.27 11.14 3.72
C ALA B 155 -14.63 12.05 4.89
N ASP B 156 -15.92 12.11 5.19
CA ASP B 156 -16.41 12.97 6.29
C ASP B 156 -16.17 12.31 7.64
N LEU B 157 -15.97 10.99 7.63
CA LEU B 157 -15.82 10.28 8.91
C LEU B 157 -15.29 8.87 8.70
N VAL B 158 -14.34 8.51 9.53
CA VAL B 158 -13.88 7.14 9.54
C VAL B 158 -14.04 6.59 10.96
N LEU B 159 -14.69 5.44 11.10
CA LEU B 159 -14.85 4.75 12.38
C LEU B 159 -13.97 3.52 12.38
N VAL B 160 -13.21 3.30 13.46
CA VAL B 160 -12.32 2.14 13.60
C VAL B 160 -12.60 1.53 14.98
N ALA B 161 -11.96 0.39 15.26
CA ALA B 161 -12.30 -0.38 16.47
C ALA B 161 -11.79 0.32 17.73
N GLU B 162 -12.39 -0.07 18.88
CA GLU B 162 -12.20 0.68 20.12
C GLU B 162 -10.71 0.78 20.51
N GLY B 163 -9.95 -0.27 20.34
CA GLY B 163 -8.61 -0.18 20.86
C GLY B 163 -7.55 0.28 19.87
N VAL B 164 -7.96 0.72 18.68
CA VAL B 164 -7.02 1.05 17.62
C VAL B 164 -6.13 2.22 18.03
N ASP B 165 -4.83 2.09 17.73
CA ASP B 165 -3.85 3.15 18.00
C ASP B 165 -3.59 3.94 16.72
N LEU B 166 -4.06 5.18 16.67
CA LEU B 166 -3.89 6.07 15.53
C LEU B 166 -2.55 6.80 15.52
N PHE B 167 -1.76 6.67 16.58
CA PHE B 167 -0.54 7.47 16.74
C PHE B 167 0.70 6.61 16.84
N SER B 168 0.66 5.41 16.28
CA SER B 168 1.86 4.63 16.09
C SER B 168 2.71 5.22 14.94
N PRO B 169 4.03 4.94 14.85
CA PRO B 169 4.84 5.53 13.80
C PRO B 169 4.44 5.09 12.40
N GLN B 170 4.00 3.83 12.25
CA GLN B 170 3.57 3.32 10.92
C GLN B 170 2.31 4.05 10.44
N VAL B 171 1.41 4.33 11.38
CA VAL B 171 0.14 4.98 10.96
C VAL B 171 0.51 6.39 10.50
N ILE B 172 1.35 7.04 11.30
CA ILE B 172 1.77 8.42 10.93
C ILE B 172 2.51 8.40 9.57
N ARG B 173 3.47 7.49 9.42
CA ARG B 173 4.30 7.47 8.19
C ARG B 173 3.47 7.08 6.96
N ASN B 174 2.73 5.98 7.05
CA ASN B 174 1.97 5.47 5.87
C ASN B 174 0.80 6.40 5.53
N SER B 175 0.33 7.18 6.51
CA SER B 175 -0.74 8.17 6.26
C SER B 175 -0.14 9.44 5.66
N THR B 176 1.19 9.54 5.65
CA THR B 176 1.84 10.79 5.22
C THR B 176 1.32 11.93 6.08
N GLY B 177 1.01 11.67 7.35
CA GLY B 177 0.51 12.70 8.28
C GLY B 177 -0.99 12.99 8.13
N ALA B 178 -1.66 12.29 7.24
CA ALA B 178 -3.09 12.53 7.00
C ALA B 178 -3.91 12.20 8.25
N VAL B 179 -3.38 11.30 9.08
CA VAL B 179 -4.11 10.92 10.27
C VAL B 179 -4.43 12.12 11.17
N PHE B 180 -3.66 13.20 11.12
CA PHE B 180 -3.86 14.29 12.13
C PHE B 180 -5.17 15.06 11.91
N ALA B 181 -5.47 15.40 10.67
CA ALA B 181 -6.68 16.22 10.39
C ALA B 181 -7.92 15.34 10.11
N LEU B 182 -7.71 14.07 9.80
CA LEU B 182 -8.84 13.21 9.40
C LEU B 182 -9.78 12.95 10.58
N PRO B 183 -11.09 13.09 10.37
CA PRO B 183 -12.06 12.75 11.40
C PRO B 183 -12.15 11.23 11.54
N VAL B 184 -11.19 10.65 12.26
CA VAL B 184 -11.17 9.18 12.47
C VAL B 184 -11.39 8.93 13.97
N TYR B 185 -12.27 8.00 14.31
CA TYR B 185 -12.64 7.83 15.74
C TYR B 185 -12.67 6.37 16.13
N PRO B 186 -11.87 5.94 17.11
CA PRO B 186 -11.98 4.57 17.63
C PRO B 186 -13.18 4.48 18.57
N VAL B 187 -14.05 3.49 18.32
CA VAL B 187 -15.35 3.42 19.02
C VAL B 187 -15.73 1.96 19.13
N ALA B 188 -16.47 1.65 20.20
CA ALA B 188 -17.06 0.33 20.37
C ALA B 188 -18.01 0.03 19.21
N GLU B 189 -18.18 -1.26 18.94
CA GLU B 189 -19.08 -1.72 17.88
C GLU B 189 -20.51 -1.21 18.04
N GLU B 190 -21.07 -1.26 19.25
CA GLU B 190 -22.46 -0.81 19.48
C GLU B 190 -22.56 0.71 19.25
N GLU B 191 -21.53 1.44 19.66
CA GLU B 191 -21.52 2.90 19.46
C GLU B 191 -21.51 3.21 17.96
N ALA B 192 -20.78 2.43 17.19
CA ALA B 192 -20.71 2.66 15.72
C ALA B 192 -22.07 2.36 15.11
N ALA B 193 -22.62 1.19 15.42
CA ALA B 193 -23.95 0.81 14.91
C ALA B 193 -24.98 1.89 15.25
N ARG B 194 -24.97 2.36 16.49
CA ARG B 194 -25.96 3.36 16.93
C ARG B 194 -25.78 4.65 16.14
N PHE B 195 -24.54 5.11 16.02
CA PHE B 195 -24.29 6.39 15.33
C PHE B 195 -24.84 6.28 13.92
N LEU B 196 -24.52 5.19 13.25
CA LEU B 196 -24.95 5.00 11.85
C LEU B 196 -26.48 4.97 11.76
N GLU B 197 -27.11 4.21 12.66
CA GLU B 197 -28.59 4.11 12.69
C GLU B 197 -29.21 5.49 12.90
N GLU B 198 -28.69 6.25 13.84
CA GLU B 198 -29.29 7.57 14.18
C GLU B 198 -29.13 8.54 13.00
N GLN B 199 -28.19 8.25 12.11
CA GLN B 199 -27.99 9.10 10.91
C GLN B 199 -28.86 8.56 9.77
N ASN B 200 -29.43 7.37 9.94
CA ASN B 200 -30.21 6.70 8.86
C ASN B 200 -29.31 6.60 7.63
N LEU B 201 -28.06 6.22 7.86
CA LEU B 201 -27.06 6.11 6.79
C LEU B 201 -27.11 4.71 6.15
N PRO B 202 -27.32 4.61 4.83
CA PRO B 202 -27.26 3.32 4.16
C PRO B 202 -25.90 2.69 4.38
N LEU B 203 -25.91 1.41 4.77
CA LEU B 203 -24.65 0.67 4.98
C LEU B 203 -24.37 -0.16 3.73
N VAL B 204 -23.13 -0.10 3.25
CA VAL B 204 -22.76 -0.85 2.01
C VAL B 204 -21.55 -1.73 2.37
N ALA B 205 -21.79 -3.03 2.42
CA ALA B 205 -20.72 -3.96 2.81
C ALA B 205 -19.86 -4.33 1.61
N ALA B 206 -18.57 -4.06 1.72
CA ALA B 206 -17.66 -4.42 0.63
C ALA B 206 -17.15 -5.82 0.90
N THR B 207 -17.47 -6.75 0.01
CA THR B 207 -16.98 -8.13 0.20
C THR B 207 -16.79 -8.78 -1.16
N PRO B 208 -15.70 -9.54 -1.35
CA PRO B 208 -15.43 -10.12 -2.67
C PRO B 208 -16.57 -10.93 -3.25
N GLU B 209 -17.49 -11.45 -2.43
CA GLU B 209 -18.64 -12.20 -2.89
C GLU B 209 -19.92 -11.38 -2.85
N GLY B 210 -19.80 -10.06 -2.72
CA GLY B 210 -20.99 -9.19 -2.79
C GLY B 210 -21.87 -9.47 -3.98
N GLU B 211 -23.18 -9.31 -3.83
CA GLU B 211 -24.15 -9.68 -4.90
C GLU B 211 -24.13 -8.66 -6.04
N ARG B 212 -23.66 -7.40 -5.80
CA ARG B 212 -23.64 -6.40 -6.84
C ARG B 212 -22.21 -5.94 -7.06
N LEU B 213 -21.92 -5.48 -8.29
CA LEU B 213 -20.68 -4.75 -8.55
C LEU B 213 -20.69 -3.44 -7.78
N TYR B 214 -19.52 -2.98 -7.31
CA TYR B 214 -19.54 -1.77 -6.49
C TYR B 214 -19.98 -0.55 -7.29
N TRP B 215 -19.81 -0.56 -8.60
CA TRP B 215 -20.31 0.56 -9.44
C TRP B 215 -21.84 0.62 -9.48
N GLU B 216 -22.52 -0.43 -9.02
CA GLU B 216 -23.98 -0.47 -9.13
C GLU B 216 -24.69 0.11 -7.92
N GLY B 217 -23.99 0.25 -6.79
CA GLY B 217 -24.56 0.97 -5.67
C GLY B 217 -24.82 2.42 -6.03
N ASP B 218 -25.79 3.02 -5.35
CA ASP B 218 -26.06 4.48 -5.52
C ASP B 218 -25.51 5.20 -4.30
N TYR B 219 -24.47 6.00 -4.49
CA TYR B 219 -23.79 6.65 -3.35
C TYR B 219 -23.94 8.17 -3.41
N ARG B 220 -24.91 8.65 -4.19
CA ARG B 220 -25.09 10.12 -4.36
C ARG B 220 -25.77 10.71 -3.12
N GLY B 221 -26.49 9.90 -2.35
CA GLY B 221 -27.21 10.40 -1.18
C GLY B 221 -26.53 10.03 0.13
N GLY B 222 -25.28 9.64 0.10
CA GLY B 222 -24.69 9.37 1.43
C GLY B 222 -24.52 7.91 1.66
N VAL B 223 -23.33 7.52 2.09
CA VAL B 223 -23.05 6.08 2.23
C VAL B 223 -22.07 5.84 3.37
N ALA B 224 -22.20 4.68 4.02
CA ALA B 224 -21.20 4.25 4.99
C ALA B 224 -20.66 2.94 4.43
N PHE B 225 -19.44 2.94 3.90
CA PHE B 225 -18.88 1.65 3.48
C PHE B 225 -18.36 0.87 4.69
N LEU B 226 -18.63 -0.42 4.69
CA LEU B 226 -18.14 -1.33 5.70
C LEU B 226 -17.02 -2.17 5.10
N LEU B 227 -15.86 -2.15 5.75
CA LEU B 227 -14.67 -2.83 5.22
C LEU B 227 -13.98 -3.64 6.32
N GLY B 228 -13.58 -4.87 6.00
CA GLY B 228 -12.90 -5.73 6.97
C GLY B 228 -11.40 -5.68 6.87
N ALA B 229 -10.72 -6.35 7.79
CA ALA B 229 -9.24 -6.36 7.83
C ALA B 229 -8.66 -7.30 6.77
N GLU B 230 -7.45 -6.99 6.27
CA GLU B 230 -6.84 -7.81 5.18
C GLU B 230 -6.78 -9.28 5.58
N ASP B 231 -6.25 -9.58 6.76
N LYS B 232 -8.71 -11.77 7.09
CA LYS B 232 -9.71 -11.00 7.88
C LYS B 232 -11.12 -11.20 7.29
N GLY B 233 -11.86 -10.12 7.02
CA GLY B 233 -13.25 -10.22 6.51
C GLY B 233 -14.27 -9.54 7.43
N LEU B 234 -15.50 -9.32 6.95
CA LEU B 234 -16.48 -8.60 7.74
C LEU B 234 -17.31 -9.55 8.59
N PRO B 235 -17.79 -9.10 9.75
CA PRO B 235 -18.66 -9.95 10.56
C PRO B 235 -20.02 -10.12 9.90
N GLU B 236 -20.62 -11.30 10.10
CA GLU B 236 -21.80 -11.70 9.34
C GLU B 236 -22.98 -10.77 9.59
N ALA B 237 -23.21 -10.40 10.85
CA ALA B 237 -24.37 -9.57 11.18
C ALA B 237 -24.25 -8.20 10.51
N TRP B 238 -23.03 -7.69 10.38
CA TRP B 238 -22.86 -6.43 9.65
C TRP B 238 -23.18 -6.60 8.17
N LYS B 239 -22.72 -7.69 7.55
CA LYS B 239 -23.05 -7.92 6.12
C LYS B 239 -24.56 -8.01 5.93
N ARG B 240 -25.26 -8.68 6.85
CA ARG B 240 -26.71 -8.89 6.68
C ARG B 240 -27.47 -7.58 6.90
N ARG B 241 -26.98 -6.73 7.79
CA ARG B 241 -27.69 -5.47 8.12
C ARG B 241 -27.52 -4.50 6.96
N ALA B 242 -26.47 -4.71 6.16
CA ALA B 242 -26.19 -3.82 5.04
C ALA B 242 -27.34 -3.80 4.04
N GLN B 243 -27.62 -2.63 3.50
CA GLN B 243 -28.67 -2.51 2.47
C GLN B 243 -28.19 -3.28 1.25
N VAL B 244 -26.88 -3.29 1.02
CA VAL B 244 -26.30 -3.94 -0.19
C VAL B 244 -24.90 -4.45 0.10
N ARG B 245 -24.53 -5.58 -0.49
CA ARG B 245 -23.15 -6.08 -0.39
C ARG B 245 -22.56 -5.93 -1.80
N VAL B 246 -21.40 -5.29 -1.90
CA VAL B 246 -20.81 -4.99 -3.23
C VAL B 246 -19.42 -5.63 -3.35
N ARG B 247 -19.10 -6.05 -4.57
CA ARG B 247 -17.78 -6.64 -4.83
C ARG B 247 -17.00 -5.85 -5.87
N ILE B 248 -15.68 -5.87 -5.72
CA ILE B 248 -14.81 -5.28 -6.75
C ILE B 248 -14.48 -6.47 -7.66
N PRO B 249 -14.77 -6.38 -8.97
CA PRO B 249 -14.48 -7.48 -9.87
C PRO B 249 -13.01 -7.88 -9.88
N MET B 250 -12.73 -9.19 -9.92
CA MET B 250 -11.36 -9.68 -9.92
C MET B 250 -11.24 -10.61 -11.14
N ARG B 251 -10.47 -10.24 -12.16
CA ARG B 251 -10.51 -10.96 -13.42
C ARG B 251 -9.41 -11.99 -13.59
N GLY B 252 -8.43 -12.03 -12.69
CA GLY B 252 -7.34 -12.97 -12.82
C GLY B 252 -7.43 -14.08 -11.80
N ARG B 253 -6.28 -14.52 -11.31
CA ARG B 253 -6.23 -15.54 -10.27
C ARG B 253 -6.31 -14.95 -8.87
N ALA B 254 -5.96 -13.67 -8.68
CA ALA B 254 -6.03 -13.12 -7.33
C ALA B 254 -7.48 -13.10 -6.86
N ASP B 255 -7.68 -13.38 -5.58
CA ASP B 255 -9.00 -13.43 -4.99
C ASP B 255 -9.45 -12.10 -4.39
N SER B 256 -8.52 -11.21 -4.06
CA SER B 256 -8.85 -10.01 -3.32
C SER B 256 -7.74 -8.98 -3.55
N LEU B 257 -8.08 -7.74 -3.23
CA LEU B 257 -7.11 -6.64 -3.39
C LEU B 257 -6.63 -6.21 -2.00
N ASN B 258 -5.61 -5.35 -1.96
CA ASN B 258 -5.15 -4.78 -0.68
C ASN B 258 -6.30 -3.96 -0.08
N VAL B 259 -6.36 -3.86 1.25
CA VAL B 259 -7.50 -3.16 1.90
C VAL B 259 -7.46 -1.65 1.58
N ALA B 260 -6.27 -1.06 1.56
CA ALA B 260 -6.16 0.39 1.27
C ALA B 260 -6.64 0.63 -0.16
N VAL B 261 -6.22 -0.25 -1.06
CA VAL B 261 -6.66 -0.12 -2.45
C VAL B 261 -8.18 -0.24 -2.55
N THR B 262 -8.74 -1.23 -1.87
CA THR B 262 -10.21 -1.42 -1.84
C THR B 262 -10.88 -0.18 -1.26
N ALA B 263 -10.33 0.33 -0.15
CA ALA B 263 -10.93 1.53 0.43
C ALA B 263 -10.90 2.66 -0.58
N ALA B 264 -9.79 2.87 -1.28
CA ALA B 264 -9.74 3.95 -2.29
C ALA B 264 -10.76 3.73 -3.42
N LEU B 265 -10.84 2.52 -3.93
CA LEU B 265 -11.75 2.23 -5.06
C LEU B 265 -13.18 2.59 -4.66
N LEU B 266 -13.59 2.16 -3.47
CA LEU B 266 -14.97 2.42 -3.01
C LEU B 266 -15.19 3.92 -2.85
N LEU B 267 -14.28 4.61 -2.17
CA LEU B 267 -14.47 6.05 -1.89
C LEU B 267 -14.48 6.88 -3.17
N TYR B 268 -13.57 6.58 -4.10
CA TYR B 268 -13.49 7.39 -5.35
C TYR B 268 -14.70 7.09 -6.24
N GLU B 269 -15.24 5.88 -6.13
CA GLU B 269 -16.48 5.56 -6.87
C GLU B 269 -17.61 6.47 -6.38
N ALA B 270 -17.72 6.63 -5.08
CA ALA B 270 -18.75 7.51 -4.50
C ALA B 270 -18.52 8.94 -4.98
N LEU B 271 -17.26 9.34 -4.99
CA LEU B 271 -16.90 10.71 -5.45
C LEU B 271 -17.30 10.86 -6.93
N ARG B 272 -17.06 9.82 -7.72
CA ARG B 272 -17.39 9.88 -9.16
C ARG B 272 -18.89 10.18 -9.28
N GLN B 273 -19.69 9.44 -8.53
CA GLN B 273 -21.17 9.60 -8.62
C GLN B 273 -21.56 11.00 -8.15
N ARG B 274 -20.92 11.49 -7.09
CA ARG B 274 -21.21 12.84 -6.56
C ARG B 274 -20.70 13.91 -7.53
N SER B 275 -19.84 13.53 -8.46
CA SER B 275 -19.34 14.49 -9.46
C SER B 275 -20.18 14.43 -10.75
N GLY B 276 -21.27 13.66 -10.75
CA GLY B 276 -22.16 13.59 -11.92
C GLY B 276 -22.22 12.21 -12.55
N GLY B 277 -21.41 11.28 -12.07
CA GLY B 277 -21.38 9.92 -12.62
C GLY B 277 -22.63 9.17 -12.27
N ALA B 278 -23.05 8.26 -13.14
CA ALA B 278 -24.21 7.47 -12.76
C ALA B 278 -23.80 6.09 -12.28
N PRO B 279 -24.58 5.47 -11.39
CA PRO B 279 -24.35 4.06 -11.11
C PRO B 279 -24.39 3.24 -12.39
N LEU B 280 -23.55 2.21 -12.47
CA LEU B 280 -23.45 1.34 -13.64
C LEU B 280 -24.77 0.57 -13.85
#